data_2DEX
#
_entry.id   2DEX
#
_cell.length_a   146.072
_cell.length_b   60.103
_cell.length_c   115.703
_cell.angle_alpha   90.00
_cell.angle_beta   124.32
_cell.angle_gamma   90.00
#
_symmetry.space_group_name_H-M   'C 1 2 1'
#
loop_
_entity.id
_entity.type
_entity.pdbx_description
1 polymer 'Protein-arginine deiminase type IV'
2 polymer '10-mer peptide from histone H3'
3 non-polymer 'CALCIUM ION'
4 non-polymer 'SULFATE ION'
5 water water
#
loop_
_entity_poly.entity_id
_entity_poly.type
_entity_poly.pdbx_seq_one_letter_code
_entity_poly.pdbx_strand_id
1 'polypeptide(L)'
;GPLGSPEFMAQGTLIRVTPEQPTHAVCVLGTLTQLDICSSAPEDCTSFSINASPGVVVDIAHSPPAKKKSTGSSTWPLDP
GVEVTLTMKAASGSTGDQKVQISYYGPKTPPVKALLYLTAVEISLCADITRTGKVKPTRAVKDQRTWTWGPCGQGAILLV
NCDRDNLESSAMDCEDDEVLDSEDLQDMSLMTLSTKTPKDFFTNHTLVLHVARSEMDKVRVFQATRGKLSSKCSVVLGPK
WPSHYLMVPGGKHNMDFYVEALAFPDTDFPGLITLTISLLDTSNLELPEAVVFQDSVVFRVAPWIMTPNTQPPQEVYACS
IFENEDFLKSVTTLAMKAKCKLTICPEEENMDDQWMQDEMEIGYIQAPHKTLPVVFDSPRNRGLKEFPIKRVMGPDFGYV
TRGPQTGGISGLDSFGNLEVSPPVTVRGKEYPLGRILFGDSCYPSNDSRQMHQALQDFLSAQQVQAPVKLYSDWLSVGHV
DEFLSFVPAPDRKGFRLLLASPRSCYKLFQEQQNEGHGEALLFEGIKKKKQQKIKNILSNKTLREHNSFVERCIDWNREL
LKRELGLAESDIIDIPQLFKLKEFSKAEAFFPNMVNMLVLGKHLGIPKPFGPVINGRCCLEEKVCSLLEPLGLQCTFIND
FFTYHIRHGEVHAGTNVRRKPFSFKWWNMVP
;
X
2 'polypeptide(L)' LAPRKQLATK A
#
# COMPACT_ATOMS: atom_id res chain seq x y z
N GLY A 12 -13.88 -32.73 6.57
CA GLY A 12 -14.11 -34.20 6.59
C GLY A 12 -14.70 -34.72 7.89
N THR A 13 -15.69 -35.63 7.78
CA THR A 13 -16.27 -36.27 8.97
C THR A 13 -16.49 -37.78 8.77
N LEU A 14 -16.22 -38.55 9.81
CA LEU A 14 -16.37 -40.00 9.80
C LEU A 14 -17.43 -40.37 10.85
N ILE A 15 -18.62 -40.77 10.40
CA ILE A 15 -19.72 -41.10 11.30
C ILE A 15 -19.68 -42.58 11.63
N ARG A 16 -19.75 -42.90 12.92
CA ARG A 16 -19.67 -44.27 13.37
C ARG A 16 -21.10 -44.77 13.55
N VAL A 17 -21.49 -45.74 12.73
CA VAL A 17 -22.83 -46.31 12.79
C VAL A 17 -22.84 -47.60 13.61
N THR A 18 -23.96 -47.84 14.30
CA THR A 18 -24.07 -48.92 15.27
C THR A 18 -25.44 -49.60 15.19
N PRO A 19 -25.46 -50.95 15.19
CA PRO A 19 -26.75 -51.61 15.28
C PRO A 19 -27.44 -51.47 16.65
N GLU A 20 -26.68 -51.23 17.72
CA GLU A 20 -27.30 -51.08 19.05
C GLU A 20 -28.17 -49.82 19.12
N GLN A 21 -27.58 -48.69 18.74
CA GLN A 21 -28.23 -47.38 18.81
C GLN A 21 -28.30 -46.74 17.42
N PRO A 22 -29.43 -46.07 17.10
CA PRO A 22 -29.43 -45.21 15.92
C PRO A 22 -28.64 -43.95 16.18
N THR A 23 -27.88 -43.50 15.19
CA THR A 23 -27.12 -42.27 15.37
C THR A 23 -27.79 -41.11 14.63
N HIS A 24 -27.63 -39.92 15.21
CA HIS A 24 -28.08 -38.67 14.66
C HIS A 24 -26.86 -37.81 14.33
N ALA A 25 -26.89 -37.14 13.18
CA ALA A 25 -25.77 -36.30 12.72
C ALA A 25 -26.23 -35.20 11.78
N VAL A 26 -25.50 -34.09 11.81
CA VAL A 26 -25.69 -32.99 10.90
C VAL A 26 -24.65 -33.07 9.78
N CYS A 27 -25.05 -32.71 8.56
CA CYS A 27 -24.14 -32.65 7.41
C CYS A 27 -24.24 -31.30 6.75
N VAL A 28 -23.13 -30.58 6.71
CA VAL A 28 -23.08 -29.28 6.03
C VAL A 28 -22.80 -29.53 4.55
N LEU A 29 -23.62 -28.97 3.68
CA LEU A 29 -23.41 -29.12 2.26
C LEU A 29 -22.04 -28.60 1.86
N GLY A 30 -21.34 -29.37 1.02
CA GLY A 30 -20.00 -29.03 0.54
C GLY A 30 -18.90 -29.69 1.32
N THR A 31 -19.28 -30.46 2.33
CA THR A 31 -18.37 -31.16 3.22
C THR A 31 -18.35 -32.62 2.81
N LEU A 32 -17.30 -33.33 3.21
CA LEU A 32 -17.12 -34.76 2.94
C LEU A 32 -17.54 -35.55 4.18
N THR A 33 -18.48 -36.47 4.00
CA THR A 33 -18.98 -37.30 5.07
C THR A 33 -18.75 -38.77 4.72
N GLN A 34 -18.06 -39.49 5.59
CA GLN A 34 -17.84 -40.93 5.42
C GLN A 34 -18.52 -41.68 6.55
N LEU A 35 -18.82 -42.94 6.29
CA LEU A 35 -19.32 -43.82 7.32
C LEU A 35 -18.27 -44.86 7.70
N ASP A 36 -18.22 -45.13 8.99
CA ASP A 36 -17.54 -46.30 9.50
C ASP A 36 -18.61 -47.37 9.74
N ILE A 37 -18.59 -48.38 8.88
CA ILE A 37 -19.57 -49.45 8.92
C ILE A 37 -19.05 -50.60 9.78
N CYS A 38 -17.73 -50.79 9.76
CA CYS A 38 -17.13 -52.01 10.30
C CYS A 38 -16.97 -52.00 11.81
N SER A 39 -16.39 -50.93 12.35
CA SER A 39 -15.97 -50.91 13.76
C SER A 39 -16.98 -51.49 14.76
N SER A 40 -18.27 -51.24 14.54
CA SER A 40 -19.30 -51.73 15.47
C SER A 40 -20.32 -52.69 14.81
N ALA A 41 -19.88 -53.40 13.77
CA ALA A 41 -20.73 -54.35 13.06
C ALA A 41 -20.92 -55.65 13.85
N PRO A 42 -22.03 -56.36 13.64
CA PRO A 42 -22.18 -57.66 14.30
C PRO A 42 -21.41 -58.77 13.62
N THR A 46 -20.75 -60.70 8.06
CA THR A 46 -19.81 -60.84 6.96
C THR A 46 -19.97 -59.80 5.85
N SER A 47 -21.21 -59.39 5.58
CA SER A 47 -21.51 -58.45 4.49
C SER A 47 -22.49 -57.38 4.97
N PHE A 48 -22.67 -56.36 4.14
CA PHE A 48 -23.63 -55.31 4.42
C PHE A 48 -24.20 -54.73 3.13
N SER A 49 -25.35 -54.07 3.27
CA SER A 49 -25.89 -53.26 2.19
C SER A 49 -26.37 -51.93 2.74
N ILE A 50 -26.46 -50.95 1.84
CA ILE A 50 -26.88 -49.62 2.23
C ILE A 50 -28.07 -49.14 1.40
N ASN A 51 -29.03 -48.57 2.11
CA ASN A 51 -30.20 -47.99 1.53
C ASN A 51 -30.42 -46.64 2.18
N ALA A 52 -30.69 -45.61 1.38
CA ALA A 52 -30.88 -44.27 1.91
C ALA A 52 -32.03 -43.59 1.21
N SER A 53 -32.50 -42.48 1.80
CA SER A 53 -33.58 -41.69 1.21
C SER A 53 -33.06 -40.90 0.00
N PRO A 54 -33.96 -40.51 -0.92
CA PRO A 54 -33.55 -39.89 -2.18
C PRO A 54 -32.63 -38.68 -2.03
N GLY A 55 -32.73 -37.97 -0.91
CA GLY A 55 -31.91 -36.79 -0.68
C GLY A 55 -30.44 -37.09 -0.37
N VAL A 56 -30.14 -38.35 -0.03
CA VAL A 56 -28.78 -38.82 0.24
C VAL A 56 -28.24 -39.59 -0.97
N VAL A 57 -27.08 -39.15 -1.48
CA VAL A 57 -26.34 -39.91 -2.48
C VAL A 57 -25.22 -40.66 -1.78
N VAL A 58 -25.25 -41.98 -1.88
CA VAL A 58 -24.27 -42.83 -1.24
C VAL A 58 -23.37 -43.42 -2.31
N ASP A 59 -22.12 -43.00 -2.36
CA ASP A 59 -21.17 -43.61 -3.29
C ASP A 59 -20.17 -44.50 -2.55
N ILE A 60 -19.84 -45.63 -3.17
CA ILE A 60 -19.11 -46.71 -2.53
C ILE A 60 -18.44 -47.62 -3.56
N THR A 75 -24.61 -56.21 -1.10
CA THR A 75 -23.72 -55.98 -2.26
C THR A 75 -22.23 -55.97 -1.89
N TRP A 76 -21.90 -55.61 -0.65
CA TRP A 76 -20.51 -55.35 -0.26
C TRP A 76 -20.02 -56.19 0.90
N PRO A 77 -18.70 -56.47 0.96
CA PRO A 77 -18.13 -57.20 2.09
C PRO A 77 -17.91 -56.28 3.29
N LEU A 78 -17.99 -56.85 4.50
CA LEU A 78 -17.81 -56.07 5.73
C LEU A 78 -16.30 -55.92 6.00
N ASP A 79 -15.61 -55.21 5.11
CA ASP A 79 -14.17 -55.09 5.13
C ASP A 79 -13.73 -53.64 5.37
N PRO A 80 -12.73 -53.41 6.24
CA PRO A 80 -12.40 -52.05 6.71
C PRO A 80 -12.03 -51.04 5.63
N GLY A 81 -11.47 -51.51 4.52
CA GLY A 81 -11.06 -50.61 3.43
C GLY A 81 -12.16 -50.29 2.43
N VAL A 82 -13.42 -50.48 2.82
CA VAL A 82 -14.55 -50.12 1.97
C VAL A 82 -15.01 -48.70 2.31
N GLU A 83 -14.70 -47.77 1.42
CA GLU A 83 -15.00 -46.35 1.62
C GLU A 83 -16.45 -46.06 1.24
N VAL A 84 -17.23 -45.66 2.24
CA VAL A 84 -18.64 -45.31 2.06
C VAL A 84 -18.80 -43.82 2.37
N THR A 85 -19.09 -43.02 1.34
CA THR A 85 -19.24 -41.56 1.46
C THR A 85 -20.67 -41.10 1.16
N LEU A 86 -21.23 -40.25 2.03
CA LEU A 86 -22.60 -39.76 1.86
C LEU A 86 -22.56 -38.34 1.34
N THR A 87 -23.43 -38.04 0.39
CA THR A 87 -23.56 -36.68 -0.12
C THR A 87 -25.02 -36.29 -0.08
N MET A 88 -25.29 -35.07 0.35
CA MET A 88 -26.65 -34.60 0.44
C MET A 88 -26.88 -33.41 -0.48
N LYS A 89 -28.02 -33.46 -1.16
CA LYS A 89 -28.27 -32.59 -2.29
C LYS A 89 -28.73 -31.23 -1.80
N ALA A 90 -29.68 -31.20 -0.88
CA ALA A 90 -30.22 -29.94 -0.36
C ALA A 90 -30.33 -29.92 1.17
N ALA A 91 -30.54 -28.71 1.70
CA ALA A 91 -30.75 -28.50 3.13
C ALA A 91 -32.01 -29.22 3.61
N SER A 92 -31.99 -29.70 4.84
CA SER A 92 -33.13 -30.38 5.41
C SER A 92 -34.26 -29.38 5.75
N GLY A 93 -35.50 -29.82 5.53
CA GLY A 93 -36.69 -29.07 5.96
C GLY A 93 -37.06 -29.38 7.40
N SER A 94 -36.74 -30.60 7.84
CA SER A 94 -36.86 -30.98 9.25
C SER A 94 -35.63 -31.74 9.70
N THR A 95 -35.39 -31.73 11.00
CA THR A 95 -34.23 -32.43 11.52
C THR A 95 -34.43 -33.93 11.35
N GLY A 96 -33.39 -34.62 10.89
CA GLY A 96 -33.44 -36.06 10.68
C GLY A 96 -34.35 -36.48 9.53
N ASP A 97 -34.61 -35.57 8.60
CA ASP A 97 -35.52 -35.85 7.49
C ASP A 97 -34.90 -36.68 6.36
N GLN A 98 -33.60 -37.00 6.49
CA GLN A 98 -32.96 -37.95 5.59
C GLN A 98 -32.46 -39.13 6.41
N LYS A 99 -32.52 -40.33 5.84
CA LYS A 99 -32.13 -41.53 6.56
C LYS A 99 -31.22 -42.42 5.74
N VAL A 100 -30.38 -43.16 6.47
CA VAL A 100 -29.53 -44.19 5.91
C VAL A 100 -29.70 -45.42 6.77
N GLN A 101 -29.98 -46.54 6.10
CA GLN A 101 -30.15 -47.81 6.76
C GLN A 101 -29.06 -48.72 6.24
N ILE A 102 -28.23 -49.19 7.16
CA ILE A 102 -27.19 -50.13 6.84
C ILE A 102 -27.65 -51.47 7.39
N SER A 103 -27.93 -52.39 6.48
CA SER A 103 -28.34 -53.72 6.88
C SER A 103 -27.12 -54.62 6.77
N TYR A 104 -26.70 -55.18 7.90
CA TYR A 104 -25.61 -56.15 7.95
C TYR A 104 -26.19 -57.55 7.72
N TYR A 105 -25.44 -58.47 7.11
CA TYR A 105 -25.93 -59.84 6.95
C TYR A 105 -24.84 -60.90 6.76
N GLY A 106 -25.26 -62.16 6.87
CA GLY A 106 -24.37 -63.29 6.69
C GLY A 106 -25.10 -64.50 6.14
N PRO A 107 -24.36 -65.59 5.85
CA PRO A 107 -24.94 -66.84 5.36
C PRO A 107 -26.16 -67.35 6.15
N LYS A 108 -26.05 -67.42 7.47
CA LYS A 108 -27.11 -67.99 8.32
C LYS A 108 -27.79 -66.91 9.14
N THR A 109 -27.52 -65.64 8.82
CA THR A 109 -27.91 -64.52 9.67
C THR A 109 -28.94 -63.62 8.96
N PRO A 110 -30.19 -63.61 9.46
CA PRO A 110 -31.15 -62.59 9.03
C PRO A 110 -30.63 -61.17 9.26
N PRO A 111 -30.99 -60.23 8.36
CA PRO A 111 -30.36 -58.89 8.38
C PRO A 111 -30.51 -58.15 9.72
N VAL A 112 -29.47 -57.41 10.08
CA VAL A 112 -29.48 -56.55 11.26
C VAL A 112 -29.25 -55.13 10.75
N LYS A 113 -30.17 -54.23 11.07
CA LYS A 113 -30.11 -52.85 10.59
C LYS A 113 -29.41 -51.94 11.58
N ALA A 114 -28.73 -50.93 11.05
CA ALA A 114 -28.29 -49.76 11.81
C ALA A 114 -28.89 -48.53 11.12
N LEU A 115 -29.36 -47.59 11.93
CA LEU A 115 -30.04 -46.39 11.45
C LEU A 115 -29.20 -45.14 11.64
N LEU A 116 -29.14 -44.32 10.61
CA LEU A 116 -28.51 -43.01 10.71
C LEU A 116 -29.52 -41.96 10.23
N TYR A 117 -29.86 -41.02 11.11
CA TYR A 117 -30.75 -39.93 10.80
C TYR A 117 -29.94 -38.66 10.55
N LEU A 118 -30.08 -38.11 9.35
CA LEU A 118 -29.26 -37.00 8.90
C LEU A 118 -30.11 -35.74 8.81
N THR A 119 -29.48 -34.61 9.13
CA THR A 119 -30.03 -33.29 8.92
C THR A 119 -29.00 -32.53 8.10
N ALA A 120 -29.35 -32.10 6.90
CA ALA A 120 -28.44 -31.33 6.05
C ALA A 120 -28.62 -29.84 6.27
N VAL A 121 -27.52 -29.09 6.32
CA VAL A 121 -27.63 -27.63 6.38
C VAL A 121 -26.63 -26.93 5.47
N GLU A 122 -26.99 -25.69 5.14
CA GLU A 122 -26.15 -24.80 4.37
C GLU A 122 -25.55 -23.77 5.33
N ILE A 123 -24.21 -23.72 5.39
CA ILE A 123 -23.48 -22.71 6.14
C ILE A 123 -22.37 -22.10 5.28
N SER A 124 -22.66 -21.01 4.57
CA SER A 124 -21.66 -20.37 3.68
C SER A 124 -21.20 -19.00 4.22
N LEU A 125 -19.93 -18.89 4.56
CA LEU A 125 -19.33 -17.62 4.95
C LEU A 125 -18.75 -17.06 3.66
N CYS A 126 -19.26 -15.91 3.21
CA CYS A 126 -18.93 -15.38 1.88
C CYS A 126 -18.29 -14.01 1.91
N ALA A 127 -17.30 -13.83 1.02
CA ALA A 127 -16.60 -12.56 0.86
C ALA A 127 -16.25 -12.39 -0.61
N ASP A 128 -15.72 -11.23 -0.99
CA ASP A 128 -15.32 -10.99 -2.39
C ASP A 128 -13.94 -11.60 -2.69
N ILE A 129 -13.90 -12.92 -2.81
CA ILE A 129 -12.61 -13.63 -2.93
C ILE A 129 -12.06 -13.61 -4.36
N THR A 130 -12.92 -13.30 -5.33
CA THR A 130 -12.48 -13.14 -6.70
C THR A 130 -12.11 -11.67 -7.03
N ARG A 131 -12.35 -10.77 -6.08
CA ARG A 131 -11.93 -9.37 -6.18
C ARG A 131 -12.66 -8.59 -7.26
N THR A 132 -13.96 -8.84 -7.36
CA THR A 132 -14.92 -8.12 -8.20
C THR A 132 -16.16 -8.98 -8.04
N GLY A 133 -17.11 -8.54 -7.21
CA GLY A 133 -18.37 -9.27 -6.95
C GLY A 133 -18.46 -9.86 -5.56
N LYS A 134 -19.19 -9.18 -4.68
CA LYS A 134 -19.32 -9.57 -3.27
C LYS A 134 -19.86 -11.00 -3.08
N GLN A 144 -10.19 -22.24 -2.01
CA GLN A 144 -9.53 -22.71 -0.79
C GLN A 144 -9.43 -21.58 0.24
N ARG A 145 -8.92 -21.92 1.44
CA ARG A 145 -8.89 -20.98 2.57
C ARG A 145 -7.53 -20.31 2.64
N THR A 146 -7.01 -19.92 1.47
CA THR A 146 -5.66 -19.39 1.38
C THR A 146 -5.72 -18.14 0.54
N TRP A 147 -4.98 -17.13 0.95
CA TRP A 147 -4.87 -15.90 0.19
C TRP A 147 -3.70 -16.04 -0.78
N THR A 148 -3.98 -16.07 -2.08
CA THR A 148 -2.93 -16.13 -3.09
C THR A 148 -2.88 -14.88 -4.01
N TRP A 149 -1.66 -14.42 -4.30
CA TRP A 149 -1.39 -13.25 -5.16
C TRP A 149 -1.60 -13.54 -6.65
N GLY A 150 -1.88 -12.49 -7.43
CA GLY A 150 -1.87 -12.59 -8.91
C GLY A 150 -3.23 -12.74 -9.57
N PRO A 151 -3.27 -12.59 -10.93
CA PRO A 151 -4.55 -12.54 -11.64
C PRO A 151 -5.37 -13.81 -11.52
N CYS A 152 -4.71 -14.94 -11.34
CA CYS A 152 -5.40 -16.21 -11.14
C CYS A 152 -5.58 -16.56 -9.68
N GLY A 153 -5.30 -15.60 -8.79
CA GLY A 153 -5.28 -15.87 -7.36
C GLY A 153 -6.65 -15.68 -6.74
N GLN A 154 -6.69 -15.75 -5.42
CA GLN A 154 -7.94 -15.71 -4.69
C GLN A 154 -7.68 -15.19 -3.30
N GLY A 155 -8.69 -14.55 -2.73
CA GLY A 155 -8.56 -13.90 -1.43
C GLY A 155 -9.14 -12.50 -1.47
N ALA A 156 -9.98 -12.18 -0.49
CA ALA A 156 -10.60 -10.88 -0.37
C ALA A 156 -9.63 -9.83 0.20
N ILE A 157 -9.94 -8.57 -0.10
CA ILE A 157 -9.14 -7.43 0.33
C ILE A 157 -9.86 -6.62 1.40
N LEU A 158 -9.09 -6.13 2.36
CA LEU A 158 -9.56 -5.34 3.47
C LEU A 158 -8.79 -4.04 3.48
N LEU A 159 -9.48 -2.92 3.61
CA LEU A 159 -8.84 -1.61 3.69
C LEU A 159 -8.64 -1.24 5.15
N VAL A 160 -7.50 -0.62 5.47
CA VAL A 160 -7.32 0.05 6.77
C VAL A 160 -8.22 1.29 6.79
N ASN A 161 -9.12 1.37 7.76
CA ASN A 161 -10.14 2.40 7.74
C ASN A 161 -9.56 3.67 8.37
N CYS A 162 -8.61 4.29 7.66
CA CYS A 162 -7.74 5.32 8.25
C CYS A 162 -8.04 6.76 7.80
N ASP A 163 -9.17 6.95 7.12
CA ASP A 163 -9.63 8.29 6.80
C ASP A 163 -10.58 8.78 7.89
N ARG A 164 -11.26 9.88 7.63
CA ARG A 164 -12.20 10.43 8.61
C ARG A 164 -13.43 10.93 7.89
N ASP A 165 -14.39 10.04 7.69
CA ASP A 165 -15.68 10.43 7.15
C ASP A 165 -16.53 11.17 8.21
N ASN A 166 -16.25 10.90 9.49
CA ASN A 166 -16.95 11.52 10.62
C ASN A 166 -16.89 13.04 10.52
N LEU A 167 -18.09 13.62 10.60
CA LEU A 167 -18.38 14.98 10.20
C LEU A 167 -17.41 16.03 10.74
N GLU A 168 -17.45 16.28 12.06
CA GLU A 168 -16.66 17.37 12.67
C GLU A 168 -15.68 16.76 13.69
N SER A 169 -15.06 15.64 13.32
CA SER A 169 -14.20 14.87 14.24
C SER A 169 -12.71 14.98 13.94
N SER A 170 -11.89 14.45 14.84
CA SER A 170 -10.42 14.48 14.71
C SER A 170 -9.81 13.09 14.46
N ALA A 171 -10.40 12.08 15.08
CA ALA A 171 -9.89 10.71 15.02
C ALA A 171 -10.10 10.06 13.65
N MET A 172 -9.24 9.11 13.29
CA MET A 172 -9.54 8.17 12.21
C MET A 172 -10.78 7.36 12.56
N ASP A 173 -11.57 7.01 11.54
CA ASP A 173 -12.83 6.28 11.76
C ASP A 173 -12.65 4.94 12.50
N CYS A 174 -11.53 4.22 12.26
CA CYS A 174 -11.32 2.89 12.87
C CYS A 174 -10.91 2.92 14.35
N GLU A 175 -10.71 4.11 14.93
CA GLU A 175 -10.33 4.26 16.35
C GLU A 175 -11.43 3.92 17.41
N ASP A 176 -12.70 4.08 17.07
CA ASP A 176 -13.80 3.70 18.00
C ASP A 176 -14.40 2.37 17.56
N ASP A 177 -15.42 1.92 18.27
CA ASP A 177 -16.15 0.68 17.89
C ASP A 177 -17.59 0.97 17.49
N GLU A 178 -17.76 1.98 16.64
CA GLU A 178 -19.05 2.30 16.06
C GLU A 178 -18.91 2.67 14.60
N VAL A 179 -19.93 2.38 13.81
CA VAL A 179 -20.05 2.96 12.47
C VAL A 179 -20.90 4.21 12.67
N LEU A 180 -20.29 5.38 12.47
CA LEU A 180 -20.95 6.65 12.81
C LEU A 180 -21.57 7.34 11.59
N ASP A 181 -21.23 6.87 10.39
CA ASP A 181 -21.75 7.43 9.16
C ASP A 181 -21.96 6.32 8.14
N SER A 182 -23.05 6.43 7.39
CA SER A 182 -23.41 5.40 6.40
C SER A 182 -22.35 5.27 5.30
N GLU A 183 -21.67 6.36 5.00
CA GLU A 183 -20.62 6.35 3.98
C GLU A 183 -19.31 5.72 4.44
N ASP A 184 -19.11 5.65 5.75
CA ASP A 184 -17.98 4.93 6.33
C ASP A 184 -18.00 3.47 5.85
N LEU A 185 -19.20 2.89 5.76
CA LEU A 185 -19.37 1.50 5.32
C LEU A 185 -18.83 1.24 3.90
N GLN A 186 -18.75 2.29 3.10
CA GLN A 186 -18.17 2.17 1.76
C GLN A 186 -16.70 1.80 1.80
N ASP A 187 -16.03 2.10 2.91
CA ASP A 187 -14.64 1.79 3.09
C ASP A 187 -14.45 0.36 3.54
N MET A 188 -15.50 -0.22 4.13
CA MET A 188 -15.42 -1.54 4.76
C MET A 188 -15.71 -2.67 3.79
N SER A 189 -15.27 -3.88 4.15
CA SER A 189 -15.45 -5.05 3.29
C SER A 189 -16.69 -5.83 3.74
N LEU A 190 -17.54 -6.18 2.80
CA LEU A 190 -18.74 -6.97 3.08
C LEU A 190 -18.40 -8.44 3.21
N MET A 191 -18.88 -9.06 4.29
CA MET A 191 -18.86 -10.52 4.46
C MET A 191 -20.29 -10.97 4.81
N THR A 192 -20.76 -12.05 4.19
CA THR A 192 -22.13 -12.50 4.45
C THR A 192 -22.18 -13.96 4.87
N LEU A 193 -23.03 -14.25 5.84
CA LEU A 193 -23.24 -15.61 6.29
C LEU A 193 -24.58 -16.03 5.71
N SER A 194 -24.57 -16.99 4.81
CA SER A 194 -25.78 -17.57 4.28
C SER A 194 -26.03 -18.92 4.93
N THR A 195 -27.20 -19.06 5.55
CA THR A 195 -27.59 -20.29 6.20
C THR A 195 -28.97 -20.75 5.72
N LYS A 196 -29.12 -22.05 5.56
CA LYS A 196 -30.39 -22.69 5.20
C LYS A 196 -30.50 -23.95 6.07
N THR A 197 -31.47 -23.91 7.00
CA THR A 197 -31.62 -24.96 8.01
C THR A 197 -33.10 -25.25 8.22
N PRO A 198 -33.43 -26.33 8.94
CA PRO A 198 -34.77 -26.46 9.49
C PRO A 198 -35.16 -25.32 10.44
N LYS A 199 -36.46 -25.05 10.51
CA LYS A 199 -36.99 -23.96 11.32
C LYS A 199 -36.56 -24.04 12.80
N ASP A 200 -36.34 -25.25 13.31
CA ASP A 200 -35.95 -25.40 14.71
C ASP A 200 -34.48 -25.71 14.92
N PHE A 201 -33.65 -25.51 13.91
CA PHE A 201 -32.26 -26.02 13.97
C PHE A 201 -31.43 -25.40 15.09
N PHE A 202 -31.67 -24.13 15.39
CA PHE A 202 -30.83 -23.41 16.36
C PHE A 202 -31.32 -23.52 17.80
N THR A 203 -32.32 -24.36 17.99
CA THR A 203 -32.68 -24.90 19.28
C THR A 203 -31.50 -25.64 19.90
N ASN A 204 -30.84 -26.48 19.10
CA ASN A 204 -29.78 -27.37 19.56
C ASN A 204 -28.40 -27.12 18.95
N HIS A 205 -28.30 -26.10 18.10
CA HIS A 205 -27.01 -25.72 17.54
C HIS A 205 -26.86 -24.22 17.65
N THR A 206 -25.60 -23.77 17.68
CA THR A 206 -25.30 -22.36 17.75
C THR A 206 -24.09 -22.08 16.88
N LEU A 207 -24.10 -20.90 16.25
CA LEU A 207 -23.01 -20.46 15.40
C LEU A 207 -22.23 -19.41 16.15
N VAL A 208 -20.91 -19.50 16.07
CA VAL A 208 -20.01 -18.51 16.64
C VAL A 208 -19.06 -18.00 15.56
N LEU A 209 -18.86 -16.68 15.56
CA LEU A 209 -17.94 -16.03 14.63
C LEU A 209 -16.76 -15.63 15.51
N HIS A 210 -15.54 -15.82 15.00
CA HIS A 210 -14.35 -15.55 15.78
C HIS A 210 -13.13 -15.21 14.93
N VAL A 211 -12.15 -14.60 15.62
CA VAL A 211 -10.87 -14.22 15.11
C VAL A 211 -9.87 -14.59 16.16
N ALA A 212 -8.71 -15.05 15.72
CA ALA A 212 -7.62 -15.42 16.62
C ALA A 212 -7.26 -14.23 17.47
N ARG A 213 -6.89 -14.48 18.73
CA ARG A 213 -6.44 -13.39 19.60
C ARG A 213 -5.23 -12.66 19.05
N SER A 214 -4.37 -13.38 18.30
CA SER A 214 -3.20 -12.76 17.69
C SER A 214 -3.60 -11.73 16.65
N GLU A 215 -4.81 -11.80 16.12
CA GLU A 215 -5.24 -10.87 15.07
C GLU A 215 -6.36 -9.91 15.48
N MET A 216 -6.97 -10.13 16.64
CA MET A 216 -8.14 -9.34 17.03
C MET A 216 -7.87 -7.83 17.16
N ASP A 217 -6.62 -7.45 17.38
CA ASP A 217 -6.26 -6.04 17.53
C ASP A 217 -6.13 -5.31 16.19
N LYS A 218 -6.27 -6.06 15.09
CA LYS A 218 -6.01 -5.54 13.74
C LYS A 218 -7.26 -5.45 12.88
N VAL A 219 -8.39 -5.86 13.43
CA VAL A 219 -9.63 -5.91 12.70
C VAL A 219 -10.79 -5.51 13.62
N ARG A 220 -11.87 -5.00 13.02
CA ARG A 220 -13.13 -4.85 13.73
C ARG A 220 -14.24 -5.25 12.79
N VAL A 221 -15.20 -6.05 13.28
CA VAL A 221 -16.29 -6.57 12.46
C VAL A 221 -17.61 -6.11 13.04
N PHE A 222 -18.48 -5.57 12.18
CA PHE A 222 -19.82 -5.08 12.55
C PHE A 222 -20.91 -5.93 11.90
N GLN A 223 -21.97 -6.18 12.64
CA GLN A 223 -23.14 -6.86 12.11
C GLN A 223 -24.19 -5.83 11.67
N ALA A 224 -24.68 -5.98 10.43
CA ALA A 224 -25.68 -5.09 9.85
C ALA A 224 -27.08 -5.72 9.83
N THR A 225 -28.09 -4.84 9.91
CA THR A 225 -29.52 -5.20 9.85
C THR A 225 -30.18 -4.54 8.66
N CYS A 233 -25.64 -0.85 12.74
CA CYS A 233 -24.44 -1.64 12.94
C CYS A 233 -24.00 -1.67 14.39
N SER A 234 -23.64 -2.85 14.87
CA SER A 234 -22.99 -2.97 16.17
C SER A 234 -21.83 -3.95 16.05
N VAL A 235 -20.73 -3.64 16.76
CA VAL A 235 -19.55 -4.50 16.79
C VAL A 235 -19.89 -5.91 17.28
N VAL A 236 -19.37 -6.90 16.56
CA VAL A 236 -19.41 -8.28 17.02
C VAL A 236 -17.99 -8.75 17.34
N LEU A 237 -17.00 -8.33 16.54
CA LEU A 237 -15.60 -8.74 16.77
C LEU A 237 -14.67 -7.55 16.72
N GLY A 238 -13.59 -7.61 17.48
CA GLY A 238 -12.67 -6.50 17.53
C GLY A 238 -11.62 -6.68 18.60
N PRO A 239 -10.83 -5.63 18.82
CA PRO A 239 -9.73 -5.67 19.77
C PRO A 239 -9.96 -6.34 21.12
N LYS A 240 -11.11 -6.21 21.76
CA LYS A 240 -11.25 -7.02 22.99
C LYS A 240 -12.26 -8.17 22.90
N TRP A 241 -12.81 -8.39 21.69
CA TRP A 241 -13.87 -9.37 21.45
C TRP A 241 -13.42 -10.30 20.30
N PRO A 242 -12.74 -11.42 20.63
CA PRO A 242 -12.32 -12.38 19.61
C PRO A 242 -13.40 -13.36 19.11
N SER A 243 -14.54 -13.44 19.80
CA SER A 243 -15.62 -14.36 19.41
C SER A 243 -17.00 -13.82 19.85
N HIS A 244 -18.05 -14.23 19.12
CA HIS A 244 -19.39 -13.73 19.35
C HIS A 244 -20.41 -14.75 18.86
N TYR A 245 -21.39 -15.04 19.71
CA TYR A 245 -22.44 -15.95 19.38
C TYR A 245 -23.40 -15.22 18.49
N LEU A 246 -23.67 -15.77 17.32
CA LEU A 246 -24.56 -15.13 16.38
C LEU A 246 -25.97 -15.53 16.73
N MET A 247 -26.91 -14.60 16.59
CA MET A 247 -28.33 -14.88 16.79
C MET A 247 -28.97 -15.05 15.42
N VAL A 248 -29.28 -16.30 15.10
CA VAL A 248 -29.66 -16.68 13.76
C VAL A 248 -30.95 -17.52 13.84
N PRO A 249 -31.97 -17.17 13.03
CA PRO A 249 -33.20 -17.92 12.97
C PRO A 249 -33.10 -19.09 12.00
N GLY A 250 -33.83 -20.16 12.27
CA GLY A 250 -33.88 -21.30 11.38
C GLY A 250 -34.56 -20.96 10.07
N GLY A 251 -34.56 -21.90 9.14
CA GLY A 251 -35.04 -21.64 7.78
C GLY A 251 -33.91 -21.03 6.99
N LYS A 252 -34.25 -20.18 6.02
CA LYS A 252 -33.25 -19.47 5.23
C LYS A 252 -32.97 -18.09 5.85
N HIS A 253 -31.70 -17.77 6.02
CA HIS A 253 -31.32 -16.46 6.55
C HIS A 253 -30.00 -15.96 5.99
N ASN A 254 -29.91 -14.66 5.81
CA ASN A 254 -28.69 -14.01 5.33
C ASN A 254 -28.33 -12.87 6.26
N MET A 255 -27.09 -12.90 6.74
CA MET A 255 -26.59 -11.97 7.72
C MET A 255 -25.34 -11.30 7.15
N ASP A 256 -25.41 -9.97 6.97
CA ASP A 256 -24.31 -9.20 6.43
C ASP A 256 -23.46 -8.66 7.57
N PHE A 257 -22.14 -8.73 7.36
CA PHE A 257 -21.17 -8.09 8.22
C PHE A 257 -20.31 -7.10 7.44
N TYR A 258 -19.79 -6.11 8.14
CA TYR A 258 -18.85 -5.15 7.56
C TYR A 258 -17.59 -5.16 8.38
N VAL A 259 -16.47 -5.21 7.68
CA VAL A 259 -15.17 -5.46 8.27
C VAL A 259 -14.26 -4.29 7.91
N GLU A 260 -13.54 -3.77 8.92
CA GLU A 260 -12.53 -2.71 8.74
C GLU A 260 -11.23 -3.24 9.28
N ALA A 261 -10.10 -2.92 8.62
CA ALA A 261 -8.80 -3.22 9.20
C ALA A 261 -8.32 -2.00 9.97
N LEU A 262 -7.50 -2.28 10.98
CA LEU A 262 -7.05 -1.29 11.95
C LEU A 262 -5.56 -1.07 11.86
N ALA A 263 -4.85 -1.84 11.03
CA ALA A 263 -3.42 -1.69 10.96
C ALA A 263 -2.89 -2.11 9.60
N PHE A 264 -1.86 -1.38 9.16
CA PHE A 264 -1.21 -1.64 7.91
C PHE A 264 -0.28 -2.85 8.09
N PRO A 265 0.01 -3.58 6.98
CA PRO A 265 1.06 -4.58 7.08
C PRO A 265 2.33 -3.95 7.63
N ASP A 266 3.06 -4.68 8.46
CA ASP A 266 4.28 -4.19 9.10
C ASP A 266 5.17 -5.37 9.54
N THR A 267 6.34 -5.05 10.12
CA THR A 267 7.26 -6.06 10.65
C THR A 267 6.55 -7.17 11.42
N ASP A 268 5.61 -6.73 12.24
CA ASP A 268 4.86 -7.57 13.18
C ASP A 268 3.52 -8.08 12.63
N PHE A 269 3.26 -7.86 11.35
CA PHE A 269 1.95 -8.16 10.78
C PHE A 269 2.09 -8.34 9.28
N PRO A 270 2.16 -9.62 8.81
CA PRO A 270 2.20 -9.94 7.40
C PRO A 270 1.04 -9.42 6.58
N GLY A 271 -0.10 -9.11 7.19
CA GLY A 271 -1.19 -8.49 6.47
C GLY A 271 -2.40 -9.34 6.21
N LEU A 272 -2.45 -10.50 6.84
CA LEU A 272 -3.57 -11.42 6.70
C LEU A 272 -4.44 -11.47 7.95
N ILE A 273 -5.75 -11.50 7.73
CA ILE A 273 -6.74 -11.62 8.78
C ILE A 273 -7.70 -12.71 8.41
N THR A 274 -7.85 -13.70 9.30
CA THR A 274 -8.75 -14.81 9.08
C THR A 274 -9.94 -14.64 10.03
N LEU A 275 -11.14 -14.68 9.46
CA LEU A 275 -12.39 -14.71 10.23
C LEU A 275 -13.04 -16.06 9.99
N THR A 276 -13.47 -16.68 11.09
CA THR A 276 -14.00 -18.03 11.09
C THR A 276 -15.40 -18.09 11.71
N ILE A 277 -16.26 -18.87 11.06
CA ILE A 277 -17.58 -19.28 11.56
C ILE A 277 -17.48 -20.72 12.03
N SER A 278 -17.97 -21.00 13.24
CA SER A 278 -18.00 -22.35 13.77
C SER A 278 -19.45 -22.72 14.10
N LEU A 279 -19.87 -23.91 13.67
CA LEU A 279 -21.18 -24.46 14.06
C LEU A 279 -20.98 -25.39 15.25
N LEU A 280 -21.70 -25.11 16.34
CA LEU A 280 -21.57 -25.83 17.60
C LEU A 280 -22.82 -26.62 17.92
N ASP A 281 -22.65 -27.87 18.34
CA ASP A 281 -23.76 -28.72 18.79
C ASP A 281 -23.94 -28.44 20.28
N THR A 282 -25.09 -27.86 20.64
CA THR A 282 -25.37 -27.54 22.02
C THR A 282 -26.57 -28.35 22.51
N SER A 283 -26.73 -29.56 21.96
CA SER A 283 -27.87 -30.44 22.24
C SER A 283 -27.91 -30.99 23.64
N ASN A 284 -26.78 -31.00 24.32
CA ASN A 284 -26.65 -31.67 25.60
C ASN A 284 -26.39 -30.67 26.69
N LEU A 285 -27.33 -30.56 27.62
CA LEU A 285 -27.24 -29.57 28.70
C LEU A 285 -26.20 -29.98 29.73
N GLU A 286 -25.82 -31.26 29.74
CA GLU A 286 -24.83 -31.76 30.69
C GLU A 286 -23.47 -32.02 30.02
N LEU A 287 -23.21 -31.37 28.89
CA LEU A 287 -21.92 -31.51 28.20
C LEU A 287 -21.54 -30.19 27.54
N PRO A 288 -20.22 -29.90 27.43
CA PRO A 288 -19.79 -28.72 26.69
C PRO A 288 -20.22 -28.73 25.23
N GLU A 289 -20.19 -27.55 24.63
CA GLU A 289 -20.49 -27.42 23.23
C GLU A 289 -19.43 -28.17 22.41
N ALA A 290 -19.85 -28.74 21.28
CA ALA A 290 -18.94 -29.52 20.41
C ALA A 290 -18.92 -28.92 19.02
N VAL A 291 -17.73 -28.64 18.50
CA VAL A 291 -17.64 -28.10 17.14
C VAL A 291 -18.03 -29.17 16.12
N VAL A 292 -18.95 -28.81 15.23
CA VAL A 292 -19.45 -29.67 14.18
C VAL A 292 -18.83 -29.33 12.82
N PHE A 293 -18.55 -28.04 12.60
CA PHE A 293 -18.15 -27.51 11.31
C PHE A 293 -17.46 -26.16 11.55
N GLN A 294 -16.38 -25.90 10.82
CA GLN A 294 -15.79 -24.57 10.72
C GLN A 294 -15.54 -24.20 9.29
N ASP A 295 -15.69 -22.92 8.98
CA ASP A 295 -15.30 -22.37 7.71
C ASP A 295 -14.73 -20.98 7.93
N SER A 296 -13.89 -20.55 6.99
CA SER A 296 -13.13 -19.31 7.13
C SER A 296 -13.08 -18.48 5.87
N VAL A 297 -12.83 -17.20 6.08
CA VAL A 297 -12.44 -16.28 5.01
C VAL A 297 -11.13 -15.62 5.43
N VAL A 298 -10.19 -15.55 4.51
CA VAL A 298 -8.90 -14.88 4.74
C VAL A 298 -8.88 -13.59 3.92
N PHE A 299 -8.66 -12.48 4.61
CA PHE A 299 -8.53 -11.16 4.01
C PHE A 299 -7.09 -10.76 4.02
N ARG A 300 -6.66 -10.04 2.98
CA ARG A 300 -5.40 -9.32 3.05
C ARG A 300 -5.63 -7.83 3.17
N VAL A 301 -4.89 -7.22 4.10
CA VAL A 301 -4.95 -5.79 4.33
C VAL A 301 -4.17 -5.08 3.21
N ALA A 302 -4.82 -4.11 2.57
CA ALA A 302 -4.26 -3.42 1.39
C ALA A 302 -3.06 -2.58 1.82
N PRO A 303 -1.93 -2.66 1.06
CA PRO A 303 -0.73 -1.91 1.39
C PRO A 303 -0.85 -0.45 1.09
N TRP A 304 0.02 0.35 1.70
CA TRP A 304 0.16 1.75 1.33
C TRP A 304 1.05 1.81 0.09
N ILE A 305 0.58 2.53 -0.94
CA ILE A 305 1.22 2.57 -2.25
C ILE A 305 1.51 4.03 -2.65
N MET A 306 2.70 4.28 -3.18
CA MET A 306 3.13 5.62 -3.60
C MET A 306 2.94 5.77 -5.09
N THR A 307 2.95 7.01 -5.57
CA THR A 307 2.78 7.32 -7.00
C THR A 307 3.95 8.13 -7.57
N PRO A 308 4.63 7.59 -8.62
CA PRO A 308 5.74 8.26 -9.25
C PRO A 308 5.36 9.52 -9.99
N ASN A 309 6.36 10.27 -10.40
CA ASN A 309 6.17 11.51 -11.14
C ASN A 309 5.49 11.30 -12.49
N THR A 310 5.48 10.06 -12.99
CA THR A 310 4.83 9.71 -14.26
C THR A 310 3.32 9.49 -14.12
N GLN A 311 2.82 9.48 -12.89
CA GLN A 311 1.37 9.39 -12.66
C GLN A 311 0.75 10.78 -12.75
N PRO A 312 -0.40 10.89 -13.45
CA PRO A 312 -0.96 12.25 -13.65
C PRO A 312 -1.31 12.94 -12.32
N PRO A 313 -0.96 14.23 -12.20
CA PRO A 313 -1.17 14.96 -10.98
C PRO A 313 -2.63 15.36 -10.81
N GLN A 314 -3.07 15.43 -9.56
CA GLN A 314 -4.46 15.73 -9.24
C GLN A 314 -4.56 16.95 -8.34
N GLU A 315 -3.53 17.17 -7.52
CA GLU A 315 -3.57 18.25 -6.56
C GLU A 315 -2.16 18.65 -6.14
N VAL A 316 -1.91 19.95 -6.10
CA VAL A 316 -0.60 20.47 -5.74
C VAL A 316 -0.67 21.13 -4.37
N TYR A 317 0.41 21.00 -3.61
CA TYR A 317 0.48 21.51 -2.27
C TYR A 317 1.66 22.43 -2.21
N ALA A 318 1.45 23.54 -1.56
CA ALA A 318 2.51 24.45 -1.24
C ALA A 318 2.06 25.16 0.00
N CYS A 319 3.01 25.65 0.76
CA CYS A 319 2.68 26.38 1.94
C CYS A 319 3.53 27.55 1.74
N SER A 320 3.09 28.32 0.75
CA SER A 320 3.81 29.39 0.14
C SER A 320 3.27 30.68 0.72
N ILE A 321 2.28 30.58 1.59
CA ILE A 321 2.03 31.70 2.44
C ILE A 321 3.17 31.64 3.44
N PHE A 322 4.29 32.19 3.02
CA PHE A 322 5.20 32.81 3.94
C PHE A 322 5.73 34.03 3.14
N GLU A 323 6.86 34.62 3.54
CA GLU A 323 7.34 35.88 2.93
C GLU A 323 7.09 36.17 1.42
N ASN A 324 7.07 35.16 0.52
CA ASN A 324 7.05 35.44 -0.94
C ASN A 324 6.00 34.83 -1.91
N GLU A 325 5.43 35.72 -2.73
CA GLU A 325 4.19 35.48 -3.49
C GLU A 325 4.38 35.18 -4.98
N ASP A 326 5.56 35.47 -5.53
CA ASP A 326 5.80 35.28 -6.98
C ASP A 326 6.17 33.83 -7.28
N PHE A 327 6.92 33.21 -6.38
CA PHE A 327 7.07 31.74 -6.38
C PHE A 327 5.69 31.08 -6.47
N LEU A 328 4.83 31.50 -5.55
CA LEU A 328 3.49 30.95 -5.45
C LEU A 328 2.64 31.20 -6.71
N LYS A 329 2.81 32.36 -7.34
CA LYS A 329 2.12 32.67 -8.60
C LYS A 329 2.49 31.66 -9.69
N SER A 330 3.77 31.35 -9.79
CA SER A 330 4.27 30.43 -10.80
C SER A 330 3.75 29.01 -10.63
N VAL A 331 3.81 28.48 -9.41
CA VAL A 331 3.28 27.12 -9.17
C VAL A 331 1.76 27.08 -9.39
N THR A 332 1.07 28.16 -9.00
CA THR A 332 -0.36 28.29 -9.24
C THR A 332 -0.67 28.28 -10.74
N THR A 333 0.17 28.96 -11.53
CA THR A 333 0.03 28.95 -12.98
C THR A 333 0.18 27.53 -13.54
N LEU A 334 1.22 26.83 -13.06
CA LEU A 334 1.49 25.44 -13.45
C LEU A 334 0.38 24.46 -13.10
N ALA A 335 -0.16 24.60 -11.89
CA ALA A 335 -1.28 23.79 -11.44
C ALA A 335 -2.48 23.96 -12.37
N MET A 336 -2.79 25.21 -12.72
CA MET A 336 -3.86 25.55 -13.66
C MET A 336 -3.61 24.84 -14.99
N LYS A 337 -2.46 25.09 -15.59
CA LYS A 337 -2.05 24.40 -16.81
C LYS A 337 -2.23 22.89 -16.72
N ALA A 338 -1.87 22.32 -15.57
CA ALA A 338 -1.97 20.87 -15.33
C ALA A 338 -3.35 20.38 -14.86
N LYS A 339 -4.33 21.29 -14.78
CA LYS A 339 -5.71 20.97 -14.37
C LYS A 339 -5.81 20.38 -12.95
N CYS A 340 -5.00 20.89 -12.03
CA CYS A 340 -4.92 20.34 -10.68
C CYS A 340 -5.63 21.21 -9.68
N LYS A 341 -6.25 20.59 -8.67
CA LYS A 341 -6.63 21.33 -7.48
C LYS A 341 -5.36 21.89 -6.87
N LEU A 342 -5.46 22.99 -6.15
CA LEU A 342 -4.28 23.59 -5.54
C LEU A 342 -4.59 23.92 -4.10
N THR A 343 -3.77 23.44 -3.16
CA THR A 343 -3.98 23.81 -1.77
C THR A 343 -2.70 24.32 -1.13
N ILE A 344 -2.88 25.35 -0.32
CA ILE A 344 -1.81 26.18 0.21
C ILE A 344 -1.97 26.28 1.71
N CYS A 345 -0.86 26.13 2.41
CA CYS A 345 -0.85 26.19 3.84
C CYS A 345 -0.31 27.55 4.28
N PRO A 346 -1.15 28.28 5.02
CA PRO A 346 -0.85 29.66 5.37
C PRO A 346 0.21 29.78 6.46
N GLU A 347 0.85 30.95 6.52
CA GLU A 347 1.93 31.23 7.48
C GLU A 347 1.54 30.92 8.92
N GLU A 348 0.27 31.16 9.26
CA GLU A 348 -0.26 30.94 10.61
C GLU A 348 -0.29 29.48 10.99
N GLU A 349 -0.39 28.62 9.98
CA GLU A 349 -0.37 27.16 10.15
C GLU A 349 1.04 26.60 9.90
N ASN A 350 1.75 27.18 8.92
CA ASN A 350 3.17 26.89 8.59
C ASN A 350 4.14 26.93 9.74
N MET A 351 3.96 27.92 10.63
CA MET A 351 4.97 28.26 11.62
C MET A 351 6.31 28.53 10.93
N ASP A 352 6.24 29.10 9.74
CA ASP A 352 7.40 29.45 8.91
C ASP A 352 8.14 28.25 8.33
N ASP A 353 7.47 27.09 8.32
CA ASP A 353 8.01 25.87 7.68
C ASP A 353 7.51 25.80 6.24
N GLN A 354 8.44 26.02 5.32
CA GLN A 354 8.10 26.17 3.92
C GLN A 354 8.30 24.87 3.11
N TRP A 355 8.79 23.82 3.75
CA TRP A 355 9.16 22.57 3.02
C TRP A 355 8.00 21.59 2.96
N MET A 356 7.06 21.89 2.07
CA MET A 356 5.83 21.09 1.89
C MET A 356 6.14 19.64 1.43
N GLN A 357 7.27 19.44 0.75
CA GLN A 357 7.75 18.12 0.34
C GLN A 357 8.07 17.17 1.49
N ASP A 358 8.53 17.73 2.60
CA ASP A 358 9.26 16.94 3.58
C ASP A 358 8.41 16.28 4.67
N GLU A 359 7.31 16.91 5.05
CA GLU A 359 6.52 16.41 6.17
C GLU A 359 5.55 15.32 5.75
N MET A 360 5.31 15.15 4.45
CA MET A 360 4.35 14.12 4.02
C MET A 360 4.57 13.54 2.62
N GLU A 361 3.93 12.40 2.40
CA GLU A 361 3.90 11.75 1.11
C GLU A 361 2.49 11.27 0.93
N ILE A 362 1.89 11.61 -0.20
CA ILE A 362 0.53 11.23 -0.52
C ILE A 362 0.60 9.99 -1.39
N GLY A 363 0.15 8.88 -0.81
CA GLY A 363 -0.05 7.63 -1.54
C GLY A 363 -1.52 7.25 -1.64
N TYR A 364 -1.79 5.96 -1.74
CA TYR A 364 -3.18 5.51 -1.73
C TYR A 364 -3.31 4.08 -1.25
N ILE A 365 -4.54 3.70 -0.90
CA ILE A 365 -4.90 2.31 -0.69
C ILE A 365 -6.05 1.96 -1.61
N GLN A 366 -6.11 0.71 -1.98
CA GLN A 366 -6.92 0.23 -3.09
C GLN A 366 -7.52 -1.17 -2.82
N ALA A 367 -8.85 -1.25 -2.99
CA ALA A 367 -9.57 -2.50 -2.94
C ALA A 367 -10.56 -2.50 -4.11
N PRO A 368 -11.15 -3.66 -4.43
CA PRO A 368 -12.10 -3.66 -5.55
C PRO A 368 -13.30 -2.74 -5.32
N HIS A 369 -13.65 -2.54 -4.04
CA HIS A 369 -14.84 -1.76 -3.72
C HIS A 369 -14.56 -0.27 -3.47
N LYS A 370 -13.29 0.09 -3.28
CA LYS A 370 -12.93 1.43 -2.86
C LYS A 370 -11.42 1.68 -2.99
N THR A 371 -11.08 2.86 -3.49
CA THR A 371 -9.71 3.33 -3.59
C THR A 371 -9.71 4.72 -2.95
N LEU A 372 -8.75 5.00 -2.06
CA LEU A 372 -8.66 6.37 -1.52
C LEU A 372 -7.22 6.81 -1.33
N PRO A 373 -6.99 8.13 -1.39
CA PRO A 373 -5.65 8.64 -1.12
C PRO A 373 -5.36 8.58 0.36
N VAL A 374 -4.08 8.39 0.69
CA VAL A 374 -3.64 8.23 2.06
C VAL A 374 -2.29 8.95 2.28
N VAL A 375 -2.27 9.87 3.23
CA VAL A 375 -1.07 10.66 3.57
C VAL A 375 -0.22 9.91 4.56
N PHE A 376 1.02 9.65 4.22
CA PHE A 376 2.00 9.16 5.18
C PHE A 376 2.66 10.41 5.74
N ASP A 377 2.48 10.59 7.05
CA ASP A 377 2.91 11.77 7.76
C ASP A 377 4.29 11.45 8.36
N SER A 378 5.33 12.12 7.87
CA SER A 378 6.70 11.90 8.34
C SER A 378 6.84 12.35 9.80
N PRO A 379 7.64 11.64 10.61
CA PRO A 379 7.93 12.05 11.98
C PRO A 379 8.80 13.31 12.13
N ARG A 380 9.28 13.88 11.03
CA ARG A 380 10.15 15.06 11.13
C ARG A 380 9.54 16.15 12.01
N ASN A 381 8.23 16.35 11.93
CA ASN A 381 7.47 17.19 12.89
C ASN A 381 8.03 18.60 13.14
N ARG A 382 8.19 19.35 12.06
CA ARG A 382 8.57 20.74 12.17
C ARG A 382 7.31 21.63 12.06
N GLY A 383 7.41 22.85 11.55
CA GLY A 383 6.25 23.73 11.47
C GLY A 383 5.01 23.17 10.79
N LEU A 384 5.20 22.33 9.76
CA LEU A 384 4.08 21.70 9.05
C LEU A 384 3.48 20.50 9.80
N LYS A 385 3.94 20.27 11.02
CA LYS A 385 3.51 19.13 11.85
C LYS A 385 2.01 18.80 11.76
N GLU A 386 1.16 19.81 11.90
CA GLU A 386 -0.29 19.60 12.03
C GLU A 386 -1.01 19.46 10.68
N PHE A 387 -0.35 19.89 9.60
CA PHE A 387 -1.01 20.00 8.30
C PHE A 387 -1.60 18.68 7.79
N PRO A 388 -0.82 17.59 7.82
CA PRO A 388 -1.37 16.30 7.40
C PRO A 388 -2.58 15.84 8.20
N ILE A 389 -2.55 16.09 9.51
CA ILE A 389 -3.58 15.61 10.43
C ILE A 389 -4.82 16.50 10.35
N LYS A 390 -4.62 17.82 10.34
CA LYS A 390 -5.73 18.76 10.33
C LYS A 390 -6.28 19.06 8.91
N ARG A 391 -5.40 19.19 7.92
CA ARG A 391 -5.82 19.67 6.61
C ARG A 391 -5.88 18.63 5.52
N VAL A 392 -5.02 17.61 5.57
CA VAL A 392 -4.99 16.59 4.51
C VAL A 392 -5.86 15.38 4.88
N MET A 393 -5.76 14.87 6.10
CA MET A 393 -6.70 13.83 6.51
C MET A 393 -8.13 14.39 6.55
N GLY A 394 -9.08 13.59 6.09
CA GLY A 394 -10.49 14.00 6.08
C GLY A 394 -11.34 12.95 5.41
N PRO A 395 -12.56 13.32 4.97
CA PRO A 395 -13.40 12.37 4.23
C PRO A 395 -12.72 11.83 2.96
N ASP A 396 -12.61 10.51 2.87
CA ASP A 396 -11.91 9.82 1.76
C ASP A 396 -10.45 10.25 1.55
N PHE A 397 -9.83 10.69 2.64
CA PHE A 397 -8.40 10.93 2.65
C PHE A 397 -7.82 10.29 3.93
N GLY A 398 -7.09 9.20 3.76
CA GLY A 398 -6.57 8.44 4.89
C GLY A 398 -5.34 9.06 5.53
N TYR A 399 -4.96 8.50 6.68
CA TYR A 399 -3.78 8.91 7.42
C TYR A 399 -2.97 7.69 7.88
N VAL A 400 -1.64 7.80 7.82
CA VAL A 400 -0.69 6.88 8.48
C VAL A 400 0.54 7.67 8.94
N THR A 401 1.11 7.25 10.06
CA THR A 401 2.40 7.77 10.48
C THR A 401 3.23 6.65 11.10
N ARG A 402 4.55 6.86 11.15
CA ARG A 402 5.50 5.90 11.72
C ARG A 402 6.69 6.64 12.31
N GLY A 403 7.38 5.95 13.20
CA GLY A 403 8.63 6.46 13.77
C GLY A 403 8.36 7.18 15.08
N PRO A 404 9.43 7.47 15.84
CA PRO A 404 9.23 8.23 17.07
C PRO A 404 8.85 9.67 16.77
N GLN A 405 7.93 10.21 17.57
CA GLN A 405 7.33 11.50 17.24
C GLN A 405 7.85 12.69 18.07
N THR A 406 8.62 12.46 19.14
CA THR A 406 9.27 13.56 19.87
C THR A 406 10.80 13.52 19.94
N GLY A 407 11.45 12.91 18.96
CA GLY A 407 12.92 12.92 18.85
C GLY A 407 13.39 11.65 18.18
N GLY A 408 14.70 11.42 18.12
CA GLY A 408 15.27 10.17 17.59
C GLY A 408 15.21 10.04 16.06
N ILE A 409 15.20 11.18 15.40
CA ILE A 409 14.89 11.28 13.97
C ILE A 409 16.07 11.97 13.27
N SER A 410 16.20 11.82 11.96
CA SER A 410 17.24 12.52 11.21
C SER A 410 16.62 13.23 10.03
N GLY A 411 17.46 13.96 9.29
CA GLY A 411 17.06 14.57 8.02
C GLY A 411 16.63 13.57 6.95
N LEU A 412 17.10 12.34 7.03
CA LEU A 412 16.72 11.39 6.00
C LEU A 412 15.32 10.82 6.26
N ASP A 413 14.68 11.24 7.35
CA ASP A 413 13.25 10.98 7.58
C ASP A 413 12.31 11.99 6.95
N SER A 414 12.87 13.12 6.49
CA SER A 414 12.12 14.09 5.68
C SER A 414 11.76 13.46 4.33
N PHE A 415 10.54 13.68 3.86
CA PHE A 415 10.06 12.89 2.73
C PHE A 415 10.47 13.40 1.34
N GLY A 416 11.35 14.41 1.30
CA GLY A 416 12.15 14.67 0.11
C GLY A 416 13.09 13.51 -0.18
N ASN A 417 13.31 12.70 0.86
CA ASN A 417 14.11 11.50 0.76
C ASN A 417 13.30 10.26 0.51
N LEU A 418 12.02 10.45 0.15
CA LEU A 418 11.15 9.32 -0.13
C LEU A 418 10.49 9.54 -1.50
N GLU A 419 10.84 8.69 -2.45
CA GLU A 419 10.36 8.78 -3.84
C GLU A 419 10.05 7.38 -4.35
N VAL A 420 9.56 7.29 -5.59
CA VAL A 420 9.21 6.01 -6.22
C VAL A 420 9.46 6.05 -7.74
N SER A 421 9.98 4.96 -8.28
CA SER A 421 10.27 4.88 -9.69
C SER A 421 8.97 4.66 -10.50
N PRO A 422 9.01 4.95 -11.81
CA PRO A 422 7.90 4.46 -12.65
C PRO A 422 7.89 2.94 -12.76
N PRO A 423 6.79 2.37 -13.32
CA PRO A 423 6.79 0.93 -13.50
C PRO A 423 8.00 0.45 -14.27
N VAL A 424 8.51 -0.70 -13.91
CA VAL A 424 9.77 -1.12 -14.44
C VAL A 424 9.82 -2.65 -14.42
N THR A 425 10.50 -3.22 -15.39
CA THR A 425 10.70 -4.66 -15.44
C THR A 425 12.21 -4.85 -15.42
N VAL A 426 12.69 -5.65 -14.47
CA VAL A 426 14.11 -5.77 -14.18
C VAL A 426 14.47 -7.25 -14.37
N ARG A 427 15.20 -7.55 -15.46
CA ARG A 427 15.63 -8.92 -15.73
C ARG A 427 14.45 -9.88 -15.57
N GLY A 428 13.39 -9.59 -16.31
CA GLY A 428 12.17 -10.41 -16.28
C GLY A 428 11.21 -10.15 -15.12
N LYS A 429 11.69 -9.63 -13.99
CA LYS A 429 10.78 -9.39 -12.86
C LYS A 429 10.08 -8.06 -12.98
N GLU A 430 8.76 -8.12 -13.07
CA GLU A 430 7.92 -6.95 -13.26
C GLU A 430 7.61 -6.23 -11.94
N TYR A 431 7.71 -4.90 -11.97
CA TYR A 431 7.38 -4.04 -10.83
C TYR A 431 6.38 -3.02 -11.34
N PRO A 432 5.10 -3.42 -11.41
CA PRO A 432 4.12 -2.65 -12.17
C PRO A 432 3.67 -1.37 -11.48
N LEU A 433 4.09 -1.17 -10.23
CA LEU A 433 3.78 0.04 -9.49
C LEU A 433 5.09 0.77 -9.16
N GLY A 434 6.17 0.37 -9.83
CA GLY A 434 7.51 0.89 -9.55
C GLY A 434 8.14 0.42 -8.23
N ARG A 435 9.26 1.04 -7.89
CA ARG A 435 10.04 0.63 -6.73
C ARG A 435 10.30 1.86 -5.92
N ILE A 436 10.05 1.78 -4.63
CA ILE A 436 10.29 2.87 -3.74
C ILE A 436 11.83 3.08 -3.67
N LEU A 437 12.22 4.34 -3.60
CA LEU A 437 13.59 4.77 -3.56
C LEU A 437 13.73 5.69 -2.36
N PHE A 438 14.71 5.40 -1.50
CA PHE A 438 15.04 6.29 -0.40
C PHE A 438 16.53 6.30 -0.11
N GLY A 439 17.01 7.42 0.41
CA GLY A 439 18.42 7.65 0.52
C GLY A 439 19.02 7.13 1.81
N ASP A 440 20.25 6.61 1.70
CA ASP A 440 21.02 6.14 2.84
C ASP A 440 22.52 6.54 2.74
N SER A 441 23.31 6.05 3.68
CA SER A 441 24.78 6.12 3.59
C SER A 441 25.24 4.85 2.91
N CYS A 442 26.49 4.76 2.50
CA CYS A 442 26.96 3.48 1.93
C CYS A 442 27.31 2.42 2.99
N TYR A 443 27.67 2.87 4.18
CA TYR A 443 27.83 1.98 5.32
C TYR A 443 27.57 2.78 6.59
N PRO A 444 27.14 2.12 7.68
CA PRO A 444 26.84 2.80 8.94
C PRO A 444 28.11 3.19 9.72
N SER A 445 28.26 4.47 10.01
CA SER A 445 29.35 4.96 10.87
C SER A 445 28.79 5.89 11.95
N ASN A 446 29.67 6.36 12.83
CA ASN A 446 29.26 7.28 13.89
C ASN A 446 28.66 8.57 13.35
N ASP A 447 29.09 8.98 12.17
CA ASP A 447 28.68 10.25 11.56
C ASP A 447 27.66 10.07 10.40
N SER A 448 27.22 8.85 10.14
CA SER A 448 26.25 8.61 9.05
C SER A 448 24.82 8.68 9.52
N ARG A 449 23.93 9.02 8.59
CA ARG A 449 22.52 9.04 8.83
C ARG A 449 21.76 8.01 8.02
N GLN A 450 20.59 7.66 8.53
CA GLN A 450 19.65 6.78 7.82
C GLN A 450 18.24 7.25 8.14
N MET A 451 17.29 6.81 7.29
CA MET A 451 15.90 6.94 7.61
C MET A 451 15.66 5.97 8.74
N HIS A 452 14.79 6.38 9.66
CA HIS A 452 14.52 5.60 10.84
C HIS A 452 14.06 4.20 10.43
N GLN A 453 14.50 3.19 11.17
CA GLN A 453 14.21 1.80 10.82
C GLN A 453 12.72 1.48 10.81
N ALA A 454 11.92 2.14 11.66
CA ALA A 454 10.49 1.93 11.68
C ALA A 454 9.83 2.33 10.32
N LEU A 455 10.35 3.38 9.70
CA LEU A 455 9.89 3.84 8.40
C LEU A 455 10.33 2.83 7.33
N GLN A 456 11.59 2.41 7.40
CA GLN A 456 12.15 1.48 6.42
C GLN A 456 11.36 0.19 6.45
N ASP A 457 11.13 -0.33 7.65
CA ASP A 457 10.41 -1.59 7.81
C ASP A 457 8.96 -1.48 7.34
N PHE A 458 8.32 -0.35 7.60
CA PHE A 458 6.95 -0.17 7.14
C PHE A 458 6.92 -0.17 5.60
N LEU A 459 7.83 0.56 4.96
CA LEU A 459 7.88 0.56 3.46
C LEU A 459 8.09 -0.82 2.88
N SER A 460 9.04 -1.57 3.43
CA SER A 460 9.27 -2.94 2.91
C SER A 460 8.11 -3.86 3.21
N ALA A 461 7.39 -3.64 4.32
CA ALA A 461 6.22 -4.50 4.60
C ALA A 461 5.04 -4.32 3.64
N GLN A 462 4.94 -3.13 3.01
CA GLN A 462 4.11 -2.88 1.81
C GLN A 462 4.96 -3.39 0.66
N GLN A 463 5.02 -4.69 0.55
CA GLN A 463 5.91 -5.43 -0.35
C GLN A 463 5.94 -4.99 -1.82
N VAL A 464 4.79 -4.48 -2.19
CA VAL A 464 4.40 -4.01 -3.49
C VAL A 464 5.31 -3.09 -4.36
N GLN A 465 6.12 -2.28 -3.67
CA GLN A 465 7.08 -1.40 -4.34
C GLN A 465 8.49 -1.61 -3.78
N ALA A 466 8.80 -2.88 -3.53
CA ALA A 466 10.11 -3.38 -3.10
C ALA A 466 11.23 -2.32 -3.04
N PRO A 467 11.28 -1.60 -1.91
CA PRO A 467 12.24 -0.51 -1.78
C PRO A 467 13.70 -0.80 -2.19
N VAL A 468 14.34 0.24 -2.71
CA VAL A 468 15.75 0.27 -3.03
C VAL A 468 16.40 1.42 -2.26
N LYS A 469 17.39 1.12 -1.42
CA LYS A 469 18.22 2.13 -0.79
C LYS A 469 19.24 2.75 -1.75
N LEU A 470 19.21 4.06 -1.84
CA LEU A 470 20.20 4.77 -2.64
C LEU A 470 21.15 5.48 -1.67
N TYR A 471 22.19 6.12 -2.21
CA TYR A 471 23.20 6.83 -1.38
C TYR A 471 22.98 8.33 -1.47
N SER A 472 22.31 8.91 -0.49
CA SER A 472 22.08 10.36 -0.43
C SER A 472 22.86 11.07 0.69
N ASP A 473 23.53 10.33 1.55
CA ASP A 473 24.06 10.92 2.78
C ASP A 473 25.25 11.85 2.57
N TRP A 474 25.82 11.81 1.37
CA TRP A 474 26.86 12.74 0.95
C TRP A 474 26.39 14.20 0.81
N LEU A 475 25.07 14.38 0.71
CA LEU A 475 24.43 15.70 0.65
C LEU A 475 24.19 16.25 2.04
N SER A 476 24.24 17.56 2.17
CA SER A 476 24.08 18.22 3.45
C SER A 476 22.71 17.88 4.00
N VAL A 477 21.70 18.18 3.21
CA VAL A 477 20.31 17.89 3.52
C VAL A 477 20.10 16.36 3.53
N GLY A 478 20.49 15.71 2.44
CA GLY A 478 20.58 14.25 2.39
C GLY A 478 19.44 13.54 1.68
N HIS A 479 18.88 14.16 0.66
CA HIS A 479 17.64 13.64 0.07
C HIS A 479 17.86 13.17 -1.37
N VAL A 480 17.25 12.05 -1.74
CA VAL A 480 17.35 11.59 -3.13
C VAL A 480 16.84 12.61 -4.15
N ASP A 481 15.88 13.46 -3.76
CA ASP A 481 15.32 14.47 -4.66
C ASP A 481 16.32 15.59 -4.99
N GLU A 482 17.47 15.61 -4.30
CA GLU A 482 18.52 16.54 -4.63
C GLU A 482 19.38 16.09 -5.80
N PHE A 483 19.30 14.82 -6.20
CA PHE A 483 20.10 14.40 -7.37
C PHE A 483 19.31 13.65 -8.42
N LEU A 484 18.08 13.26 -8.13
CA LEU A 484 17.28 12.59 -9.17
C LEU A 484 15.86 13.12 -9.25
N SER A 485 15.28 12.93 -10.43
CA SER A 485 13.85 13.11 -10.66
C SER A 485 13.47 12.18 -11.81
N PHE A 486 12.18 11.96 -11.99
CA PHE A 486 11.69 11.22 -13.17
C PHE A 486 10.70 12.12 -13.87
N VAL A 487 10.66 12.03 -15.19
CA VAL A 487 9.69 12.77 -15.97
C VAL A 487 9.08 11.81 -16.98
N PRO A 488 7.83 12.09 -17.39
CA PRO A 488 7.25 11.26 -18.46
C PRO A 488 7.96 11.51 -19.80
N ALA A 489 7.87 10.52 -20.66
CA ALA A 489 8.39 10.57 -22.01
C ALA A 489 7.44 9.79 -22.93
N PRO A 490 7.36 10.16 -24.21
CA PRO A 490 6.44 9.50 -25.13
C PRO A 490 6.96 8.18 -25.69
N ASP A 491 8.27 7.95 -25.60
CA ASP A 491 8.88 6.76 -26.16
C ASP A 491 9.53 5.94 -25.07
N ARG A 492 10.07 4.79 -25.46
CA ARG A 492 10.94 3.99 -24.60
C ARG A 492 10.57 4.01 -23.11
N LYS A 493 9.89 2.96 -22.65
CA LYS A 493 9.51 2.80 -21.25
C LYS A 493 8.58 3.87 -20.70
N GLY A 494 8.52 5.03 -21.34
CA GLY A 494 7.55 6.05 -20.96
C GLY A 494 8.03 7.05 -19.94
N PHE A 495 9.35 7.13 -19.72
CA PHE A 495 9.91 8.10 -18.79
C PHE A 495 11.36 8.36 -19.11
N ARG A 496 11.91 9.37 -18.46
CA ARG A 496 13.35 9.49 -18.35
C ARG A 496 13.69 9.66 -16.88
N LEU A 497 14.80 9.06 -16.49
CA LEU A 497 15.45 9.36 -15.23
C LEU A 497 16.32 10.58 -15.52
N LEU A 498 16.12 11.65 -14.73
CA LEU A 498 17.01 12.80 -14.78
C LEU A 498 17.99 12.72 -13.62
N LEU A 499 19.30 12.87 -13.88
CA LEU A 499 20.27 12.99 -12.79
C LEU A 499 21.03 14.30 -12.89
N ALA A 500 21.19 14.97 -11.75
CA ALA A 500 22.12 16.10 -11.63
C ALA A 500 23.49 15.66 -12.11
N SER A 501 24.18 16.52 -12.83
CA SER A 501 25.42 16.13 -13.51
C SER A 501 26.42 17.27 -13.59
N PRO A 502 27.45 17.25 -12.73
CA PRO A 502 28.53 18.22 -12.84
C PRO A 502 29.30 18.10 -14.18
N ARG A 503 29.46 16.88 -14.67
CA ARG A 503 30.06 16.63 -15.99
C ARG A 503 29.42 17.48 -17.10
N SER A 504 28.09 17.47 -17.13
CA SER A 504 27.32 18.16 -18.16
C SER A 504 27.55 19.67 -18.11
N CYS A 505 27.64 20.20 -16.89
CA CYS A 505 27.77 21.63 -16.67
C CYS A 505 29.18 22.11 -16.99
N TYR A 506 30.20 21.33 -16.62
CA TYR A 506 31.57 21.63 -17.04
C TYR A 506 31.67 21.59 -18.57
N LYS A 507 31.03 20.60 -19.19
CA LYS A 507 31.04 20.51 -20.64
C LYS A 507 30.41 21.77 -21.24
N LEU A 508 29.25 22.18 -20.72
CA LEU A 508 28.51 23.36 -21.21
C LEU A 508 29.33 24.63 -21.12
N PHE A 509 29.92 24.87 -19.95
CA PHE A 509 30.71 26.08 -19.71
C PHE A 509 32.00 26.06 -20.51
N GLN A 510 32.57 24.88 -20.73
CA GLN A 510 33.77 24.77 -21.55
C GLN A 510 33.48 25.12 -22.99
N GLU A 511 32.37 24.61 -23.53
CA GLU A 511 31.93 24.92 -24.90
C GLU A 511 31.66 26.42 -25.08
N GLN A 512 31.00 27.00 -24.09
CA GLN A 512 30.76 28.44 -24.05
C GLN A 512 32.06 29.23 -24.06
N GLN A 513 33.02 28.82 -23.23
CA GLN A 513 34.35 29.43 -23.23
C GLN A 513 35.04 29.26 -24.59
N ASN A 514 35.02 28.04 -25.11
CA ASN A 514 35.61 27.74 -26.43
C ASN A 514 35.02 28.63 -27.54
N GLU A 515 33.77 29.04 -27.37
CA GLU A 515 33.06 29.90 -28.31
C GLU A 515 33.16 31.40 -27.96
N GLY A 516 33.96 31.71 -26.94
CA GLY A 516 34.39 33.07 -26.67
C GLY A 516 33.65 33.79 -25.56
N HIS A 517 32.93 33.05 -24.73
CA HIS A 517 32.07 33.63 -23.71
C HIS A 517 32.62 33.46 -22.30
N GLY A 518 33.94 33.25 -22.18
CA GLY A 518 34.58 33.04 -20.88
C GLY A 518 34.30 34.11 -19.84
N GLU A 519 33.89 35.28 -20.31
CA GLU A 519 33.61 36.42 -19.43
C GLU A 519 32.15 36.39 -18.91
N ALA A 520 31.32 35.53 -19.48
CA ALA A 520 29.91 35.48 -19.13
C ALA A 520 29.69 35.12 -17.64
N LEU A 521 28.68 35.73 -17.02
CA LEU A 521 28.54 35.75 -15.58
C LEU A 521 27.49 34.78 -15.05
N LEU A 522 27.92 33.85 -14.22
CA LEU A 522 27.01 33.05 -13.43
C LEU A 522 26.44 33.99 -12.36
N PHE A 523 25.13 33.94 -12.16
CA PHE A 523 24.41 34.77 -11.20
C PHE A 523 24.09 36.18 -11.73
N GLU A 524 24.14 36.38 -13.04
CA GLU A 524 23.52 37.56 -13.67
C GLU A 524 22.06 37.58 -13.25
N GLY A 525 21.58 38.76 -12.87
CA GLY A 525 20.19 38.95 -12.47
C GLY A 525 19.92 38.90 -10.97
N ILE A 526 20.94 38.65 -10.15
CA ILE A 526 20.75 38.58 -8.69
C ILE A 526 21.23 39.82 -7.93
N LYS A 527 20.25 40.50 -7.31
CA LYS A 527 20.46 41.59 -6.34
C LYS A 527 21.78 41.49 -5.56
N LYS A 528 21.84 40.52 -4.65
CA LYS A 528 22.91 40.44 -3.67
C LYS A 528 23.63 39.11 -3.85
N LYS A 529 24.59 39.11 -4.77
CA LYS A 529 25.40 37.92 -5.02
C LYS A 529 26.70 38.26 -5.75
N LYS A 530 27.77 37.59 -5.35
CA LYS A 530 29.02 37.60 -6.11
C LYS A 530 28.79 36.97 -7.49
N GLN A 531 28.85 37.79 -8.53
CA GLN A 531 28.79 37.33 -9.91
C GLN A 531 30.11 36.59 -10.15
N GLN A 532 30.10 35.53 -10.94
CA GLN A 532 31.32 34.77 -11.22
C GLN A 532 31.41 34.42 -12.70
N LYS A 533 32.59 34.64 -13.28
CA LYS A 533 32.81 34.41 -14.71
C LYS A 533 33.07 32.93 -15.00
N ILE A 534 32.57 32.48 -16.15
CA ILE A 534 32.78 31.13 -16.63
C ILE A 534 34.26 30.72 -16.57
N LYS A 535 35.15 31.57 -17.05
CA LYS A 535 36.58 31.26 -17.01
C LYS A 535 37.11 30.98 -15.59
N ASN A 536 36.58 31.67 -14.58
CA ASN A 536 37.06 31.52 -13.22
C ASN A 536 36.43 30.31 -12.55
N ILE A 537 35.19 30.01 -12.93
CA ILE A 537 34.55 28.76 -12.51
C ILE A 537 35.40 27.59 -13.00
N LEU A 538 35.68 27.55 -14.30
CA LEU A 538 36.48 26.46 -14.88
C LEU A 538 37.89 26.33 -14.29
N SER A 539 38.56 27.45 -14.04
CA SER A 539 39.91 27.41 -13.50
C SER A 539 39.97 27.09 -12.00
N ASN A 540 38.84 27.11 -11.32
CA ASN A 540 38.81 26.81 -9.88
C ASN A 540 39.00 25.31 -9.68
N LYS A 541 40.21 24.92 -9.27
CA LYS A 541 40.59 23.51 -9.14
C LYS A 541 39.98 22.81 -7.93
N THR A 542 39.71 23.56 -6.87
CA THR A 542 39.04 23.05 -5.68
C THR A 542 37.56 22.78 -5.95
N LEU A 543 36.90 23.69 -6.67
CA LEU A 543 35.51 23.51 -7.10
C LEU A 543 35.42 22.27 -8.00
N ARG A 544 36.39 22.14 -8.89
CA ARG A 544 36.48 20.96 -9.73
C ARG A 544 36.65 19.66 -8.96
N GLU A 545 37.52 19.68 -7.94
CA GLU A 545 37.72 18.53 -7.04
C GLU A 545 36.43 18.16 -6.30
N HIS A 546 35.80 19.15 -5.69
CA HIS A 546 34.47 18.98 -5.07
C HIS A 546 33.46 18.32 -6.02
N ASN A 547 33.32 18.86 -7.22
CA ASN A 547 32.32 18.33 -8.16
C ASN A 547 32.71 16.98 -8.76
N SER A 548 34.00 16.67 -8.72
CA SER A 548 34.47 15.37 -9.16
C SER A 548 34.05 14.30 -8.13
N PHE A 549 34.15 14.64 -6.85
CA PHE A 549 33.70 13.76 -5.79
C PHE A 549 32.18 13.58 -5.81
N VAL A 550 31.46 14.69 -5.96
CA VAL A 550 30.02 14.61 -6.14
C VAL A 550 29.63 13.73 -7.33
N GLU A 551 30.27 13.96 -8.49
CA GLU A 551 30.04 13.12 -9.69
C GLU A 551 30.18 11.65 -9.38
N ARG A 552 31.15 11.33 -8.53
CA ARG A 552 31.41 9.98 -8.10
C ARG A 552 30.25 9.45 -7.24
N CYS A 553 29.74 10.28 -6.33
CA CYS A 553 28.58 9.90 -5.52
C CYS A 553 27.36 9.69 -6.39
N ILE A 554 27.15 10.57 -7.36
CA ILE A 554 25.99 10.42 -8.24
C ILE A 554 26.15 9.21 -9.16
N ASP A 555 27.34 9.03 -9.74
CA ASP A 555 27.63 7.85 -10.58
C ASP A 555 27.42 6.53 -9.85
N TRP A 556 27.75 6.45 -8.55
CA TRP A 556 27.44 5.26 -7.75
C TRP A 556 25.94 4.96 -7.83
N ASN A 557 25.12 5.99 -7.61
CA ASN A 557 23.65 5.84 -7.67
C ASN A 557 23.13 5.54 -9.07
N ARG A 558 23.79 6.10 -10.09
CA ARG A 558 23.42 5.84 -11.48
C ARG A 558 23.44 4.34 -11.72
N GLU A 559 24.53 3.69 -11.33
CA GLU A 559 24.72 2.26 -11.58
C GLU A 559 23.83 1.40 -10.71
N LEU A 560 23.58 1.86 -9.51
CA LEU A 560 22.63 1.26 -8.59
C LEU A 560 21.20 1.25 -9.15
N LEU A 561 20.74 2.42 -9.57
CA LEU A 561 19.48 2.58 -10.29
C LEU A 561 19.44 1.75 -11.56
N LYS A 562 20.55 1.71 -12.29
CA LYS A 562 20.60 0.87 -13.50
C LYS A 562 20.35 -0.62 -13.20
N ARG A 563 21.04 -1.16 -12.21
CA ARG A 563 20.83 -2.54 -11.78
C ARG A 563 19.42 -2.80 -11.24
N GLU A 564 19.01 -1.99 -10.28
CA GLU A 564 17.78 -2.24 -9.52
C GLU A 564 16.48 -1.87 -10.23
N LEU A 565 16.57 -0.98 -11.20
CA LEU A 565 15.43 -0.55 -11.99
C LEU A 565 15.54 -1.04 -13.46
N GLY A 566 16.63 -1.72 -13.81
CA GLY A 566 16.82 -2.29 -15.16
C GLY A 566 16.99 -1.27 -16.29
N LEU A 567 17.64 -0.15 -15.96
CA LEU A 567 17.75 0.96 -16.87
C LEU A 567 18.96 0.82 -17.77
N ALA A 568 18.82 1.35 -18.97
CA ALA A 568 19.93 1.57 -19.87
C ALA A 568 20.25 3.07 -19.89
N GLU A 569 21.37 3.42 -20.49
CA GLU A 569 21.78 4.81 -20.64
C GLU A 569 20.72 5.65 -21.36
N SER A 570 20.02 5.02 -22.31
CA SER A 570 18.99 5.68 -23.09
C SER A 570 17.76 6.06 -22.27
N ASP A 571 17.65 5.53 -21.05
CA ASP A 571 16.61 5.97 -20.12
C ASP A 571 16.97 7.18 -19.30
N ILE A 572 18.22 7.62 -19.39
CA ILE A 572 18.79 8.61 -18.46
C ILE A 572 19.19 9.92 -19.16
N ILE A 573 18.83 11.05 -18.56
CA ILE A 573 19.26 12.37 -19.01
C ILE A 573 20.07 13.06 -17.90
N ASP A 574 21.24 13.54 -18.23
CA ASP A 574 22.01 14.35 -17.29
C ASP A 574 21.63 15.82 -17.39
N ILE A 575 21.32 16.42 -16.25
CA ILE A 575 20.95 17.82 -16.13
C ILE A 575 22.19 18.56 -15.61
N PRO A 576 22.65 19.62 -16.32
CA PRO A 576 23.87 20.31 -15.89
C PRO A 576 23.69 20.92 -14.50
N GLN A 577 24.59 20.59 -13.57
CA GLN A 577 24.44 21.01 -12.18
C GLN A 577 25.76 20.97 -11.45
N LEU A 578 26.13 22.13 -10.91
CA LEU A 578 27.29 22.26 -10.03
C LEU A 578 26.89 22.18 -8.56
N PHE A 579 27.83 21.67 -7.77
CA PHE A 579 27.72 21.57 -6.33
C PHE A 579 28.97 22.14 -5.68
N LYS A 580 28.91 22.33 -4.38
CA LYS A 580 30.08 22.63 -3.55
C LYS A 580 29.98 21.87 -2.22
N LEU A 581 31.12 21.50 -1.66
CA LEU A 581 31.18 20.89 -0.34
C LEU A 581 31.34 21.99 0.71
N LYS A 582 30.64 21.86 1.83
CA LYS A 582 30.70 22.85 2.90
C LYS A 582 30.92 22.16 4.23
N GLU A 583 30.00 22.38 5.17
CA GLU A 583 30.14 21.88 6.53
C GLU A 583 30.21 20.37 6.50
N PHE A 584 31.23 19.81 7.15
CA PHE A 584 31.47 18.37 7.17
C PHE A 584 31.67 17.76 5.76
N SER A 585 32.14 18.57 4.81
CA SER A 585 32.34 18.15 3.43
C SER A 585 31.06 17.63 2.75
N LYS A 586 29.92 18.13 3.22
CA LYS A 586 28.63 17.76 2.71
C LYS A 586 28.26 18.67 1.56
N ALA A 587 27.63 18.09 0.54
CA ALA A 587 27.38 18.74 -0.72
C ALA A 587 26.13 19.57 -0.71
N GLU A 588 26.22 20.72 -1.38
CA GLU A 588 25.14 21.67 -1.52
C GLU A 588 25.17 22.16 -2.96
N ALA A 589 24.04 22.62 -3.45
CA ALA A 589 23.92 23.11 -4.83
C ALA A 589 24.64 24.46 -4.98
N PHE A 590 25.45 24.56 -6.03
CA PHE A 590 26.27 25.75 -6.32
C PHE A 590 25.38 26.83 -6.84
N PHE A 591 24.48 26.45 -7.75
CA PHE A 591 23.38 27.30 -8.19
C PHE A 591 22.07 26.50 -8.05
N PRO A 592 20.91 27.16 -8.13
CA PRO A 592 19.64 26.44 -7.96
C PRO A 592 19.55 25.07 -8.62
N ASN A 593 19.30 24.08 -7.76
CA ASN A 593 19.31 22.68 -8.09
C ASN A 593 18.17 22.28 -9.01
N MET A 594 18.44 22.31 -10.30
CA MET A 594 17.36 22.18 -11.30
C MET A 594 16.66 20.84 -11.30
N VAL A 595 17.34 19.80 -10.80
CA VAL A 595 16.71 18.48 -10.76
C VAL A 595 15.61 18.43 -9.71
N ASN A 596 15.68 19.34 -8.73
CA ASN A 596 14.71 19.45 -7.66
C ASN A 596 13.52 20.24 -8.19
N MET A 597 12.83 19.62 -9.15
CA MET A 597 11.76 20.25 -9.92
C MET A 597 10.38 19.68 -9.61
N LEU A 598 9.36 20.43 -10.00
CA LEU A 598 8.00 19.99 -9.86
C LEU A 598 7.50 19.47 -11.21
N VAL A 599 7.04 18.23 -11.22
CA VAL A 599 6.67 17.54 -12.45
C VAL A 599 5.15 17.41 -12.49
N LEU A 600 4.51 18.23 -13.31
CA LEU A 600 3.05 18.23 -13.46
C LEU A 600 2.69 17.77 -14.88
N GLY A 601 2.71 16.47 -15.11
CA GLY A 601 2.61 15.91 -16.47
C GLY A 601 3.72 16.50 -17.34
N LYS A 602 3.35 17.04 -18.49
CA LYS A 602 4.35 17.66 -19.35
C LYS A 602 4.78 19.06 -18.90
N HIS A 603 4.17 19.58 -17.84
CA HIS A 603 4.57 20.88 -17.31
C HIS A 603 5.55 20.73 -16.15
N LEU A 604 6.73 21.34 -16.30
CA LEU A 604 7.79 21.27 -15.31
C LEU A 604 8.05 22.63 -14.66
N GLY A 605 8.09 22.67 -13.33
CA GLY A 605 8.51 23.84 -12.57
C GLY A 605 9.93 23.64 -12.07
N ILE A 606 10.87 24.23 -12.79
CA ILE A 606 12.30 24.01 -12.61
C ILE A 606 12.90 25.24 -11.93
N PRO A 607 13.69 25.04 -10.85
CA PRO A 607 14.35 26.24 -10.27
C PRO A 607 15.15 27.04 -11.29
N LYS A 608 14.96 28.36 -11.31
CA LYS A 608 15.72 29.24 -12.17
C LYS A 608 17.20 29.32 -11.73
N PRO A 609 18.12 28.80 -12.57
CA PRO A 609 19.52 28.70 -12.17
C PRO A 609 20.27 30.03 -12.15
N PHE A 610 19.78 31.01 -12.92
CA PHE A 610 20.44 32.30 -13.10
C PHE A 610 21.87 32.11 -13.64
N GLY A 611 21.94 31.39 -14.75
CA GLY A 611 23.19 31.04 -15.39
C GLY A 611 23.73 32.12 -16.30
N PRO A 612 24.94 31.89 -16.85
CA PRO A 612 25.52 32.89 -17.77
C PRO A 612 24.62 33.17 -18.96
N VAL A 613 24.38 34.45 -19.23
CA VAL A 613 23.49 34.88 -20.32
C VAL A 613 24.29 35.03 -21.61
N ILE A 614 23.94 34.20 -22.59
CA ILE A 614 24.65 34.11 -23.84
C ILE A 614 23.61 34.15 -24.94
N ASN A 615 23.85 35.00 -25.95
CA ASN A 615 22.86 35.30 -26.96
C ASN A 615 21.46 35.51 -26.36
N GLY A 616 21.39 36.33 -25.31
CA GLY A 616 20.13 36.77 -24.75
C GLY A 616 19.45 35.80 -23.80
N ARG A 617 20.08 34.65 -23.53
CA ARG A 617 19.42 33.61 -22.76
C ARG A 617 20.40 32.87 -21.84
N CYS A 618 19.95 32.57 -20.61
CA CYS A 618 20.68 31.69 -19.70
C CYS A 618 21.00 30.37 -20.41
N CYS A 619 22.29 30.04 -20.51
CA CYS A 619 22.71 28.86 -21.25
C CYS A 619 22.32 27.56 -20.56
N LEU A 620 22.09 27.61 -19.25
CA LEU A 620 21.62 26.45 -18.47
C LEU A 620 20.18 26.13 -18.78
N GLU A 621 19.32 27.15 -18.73
CA GLU A 621 17.93 26.99 -19.14
C GLU A 621 17.92 26.46 -20.56
N GLU A 622 18.68 27.10 -21.41
CA GLU A 622 18.80 26.69 -22.81
C GLU A 622 19.18 25.21 -22.93
N LYS A 623 20.22 24.79 -22.23
CA LYS A 623 20.67 23.38 -22.24
C LYS A 623 19.56 22.43 -21.78
N VAL A 624 18.90 22.79 -20.69
CA VAL A 624 17.85 21.91 -20.13
C VAL A 624 16.68 21.78 -21.11
N CYS A 625 16.25 22.91 -21.65
CA CYS A 625 15.23 22.96 -22.70
C CYS A 625 15.59 22.05 -23.87
N SER A 626 16.81 22.16 -24.37
CA SER A 626 17.27 21.31 -25.48
C SER A 626 17.20 19.83 -25.15
N LEU A 627 17.31 19.51 -23.86
CA LEU A 627 17.26 18.11 -23.42
C LEU A 627 15.82 17.64 -23.25
N LEU A 628 14.96 18.49 -22.72
CA LEU A 628 13.62 18.07 -22.34
C LEU A 628 12.52 18.38 -23.35
N GLU A 629 12.65 19.48 -24.09
CA GLU A 629 11.62 19.85 -25.05
C GLU A 629 11.39 18.77 -26.12
N PRO A 630 12.45 18.12 -26.63
CA PRO A 630 12.26 16.99 -27.55
C PRO A 630 11.39 15.85 -27.00
N LEU A 631 11.21 15.78 -25.69
CA LEU A 631 10.30 14.80 -25.08
C LEU A 631 8.86 15.29 -24.97
N GLY A 632 8.58 16.52 -25.41
CA GLY A 632 7.25 17.10 -25.23
C GLY A 632 7.07 17.82 -23.91
N LEU A 633 8.16 17.99 -23.16
CA LEU A 633 8.08 18.64 -21.86
C LEU A 633 8.18 20.16 -22.01
N GLN A 634 7.34 20.88 -21.25
CA GLN A 634 7.40 22.36 -21.19
C GLN A 634 8.04 22.84 -19.89
N CYS A 635 9.18 23.53 -20.02
CA CYS A 635 10.01 23.94 -18.88
C CYS A 635 9.76 25.38 -18.45
N THR A 636 9.18 25.56 -17.28
CA THR A 636 9.01 26.88 -16.67
C THR A 636 10.07 27.03 -15.59
N PHE A 637 10.88 28.08 -15.70
CA PHE A 637 11.94 28.36 -14.73
C PHE A 637 11.48 29.37 -13.67
N ILE A 638 11.48 28.93 -12.42
CA ILE A 638 10.83 29.65 -11.34
C ILE A 638 11.87 30.21 -10.37
N ASN A 639 11.83 31.52 -10.18
CA ASN A 639 12.72 32.18 -9.25
C ASN A 639 12.39 31.72 -7.83
N ASP A 640 13.34 31.00 -7.22
CA ASP A 640 13.17 30.51 -5.85
C ASP A 640 14.38 30.90 -5.00
N PHE A 641 15.17 31.85 -5.51
CA PHE A 641 16.53 32.03 -5.03
C PHE A 641 16.59 32.39 -3.56
N PHE A 642 16.04 33.54 -3.16
CA PHE A 642 16.18 34.03 -1.79
C PHE A 642 15.20 33.39 -0.79
N THR A 643 14.24 32.62 -1.30
CA THR A 643 13.21 32.01 -0.47
C THR A 643 13.45 30.52 -0.20
N TYR A 644 13.88 29.79 -1.23
CA TYR A 644 14.12 28.35 -1.11
C TYR A 644 15.60 28.06 -1.26
N HIS A 645 16.17 28.41 -2.41
CA HIS A 645 17.53 28.00 -2.75
C HIS A 645 18.49 28.31 -1.59
N ILE A 646 18.43 29.54 -1.13
CA ILE A 646 19.33 30.04 -0.09
C ILE A 646 19.14 29.29 1.23
N ARG A 647 17.97 28.71 1.44
CA ARG A 647 17.68 27.87 2.63
C ARG A 647 17.77 26.35 2.35
N HIS A 648 18.50 25.98 1.30
CA HIS A 648 18.92 24.59 1.04
C HIS A 648 17.85 23.69 0.42
N GLY A 649 16.96 24.27 -0.37
CA GLY A 649 15.98 23.49 -1.13
C GLY A 649 15.45 24.27 -2.32
N GLU A 650 14.75 23.60 -3.23
CA GLU A 650 14.22 24.26 -4.42
C GLU A 650 12.73 23.97 -4.61
N VAL A 651 12.29 23.94 -5.85
CA VAL A 651 10.86 23.89 -6.18
C VAL A 651 10.23 22.61 -5.67
N HIS A 652 10.86 21.46 -5.91
CA HIS A 652 10.31 20.18 -5.44
C HIS A 652 10.22 20.17 -3.93
N ALA A 653 11.25 20.70 -3.27
CA ALA A 653 11.30 20.74 -1.82
C ALA A 653 10.20 21.63 -1.19
N GLY A 654 9.79 22.69 -1.89
CA GLY A 654 8.72 23.62 -1.42
C GLY A 654 7.28 23.24 -1.81
N THR A 655 7.11 22.10 -2.46
CA THR A 655 5.80 21.67 -2.96
C THR A 655 5.59 20.17 -2.71
N ASN A 656 4.37 19.72 -2.96
CA ASN A 656 4.01 18.30 -2.90
C ASN A 656 2.85 18.09 -3.87
N VAL A 657 2.63 16.83 -4.25
CA VAL A 657 1.65 16.49 -5.27
C VAL A 657 0.95 15.17 -4.93
N ARG A 658 -0.36 15.19 -5.12
CA ARG A 658 -1.20 14.00 -5.08
C ARG A 658 -1.46 13.58 -6.52
N ARG A 659 -1.24 12.30 -6.82
CA ARG A 659 -1.31 11.83 -8.19
C ARG A 659 -2.27 10.66 -8.31
N LYS A 660 -2.70 10.40 -9.54
CA LYS A 660 -3.70 9.37 -9.77
C LYS A 660 -3.13 7.98 -9.44
N PRO A 661 -3.88 7.15 -8.66
CA PRO A 661 -3.45 5.77 -8.42
C PRO A 661 -3.26 4.94 -9.68
N PHE A 662 -2.37 3.98 -9.62
CA PHE A 662 -2.20 3.07 -10.75
C PHE A 662 -3.50 2.36 -11.05
N SER A 663 -3.74 2.12 -12.33
CA SER A 663 -4.87 1.32 -12.78
C SER A 663 -4.62 -0.13 -12.45
N PHE A 664 -3.34 -0.55 -12.55
CA PHE A 664 -2.96 -1.92 -12.23
C PHE A 664 -3.26 -2.18 -10.75
N LYS A 665 -3.89 -3.31 -10.47
CA LYS A 665 -4.35 -3.65 -9.11
C LYS A 665 -3.26 -4.39 -8.39
N TRP A 666 -2.90 -3.87 -7.22
CA TRP A 666 -1.70 -4.36 -6.55
C TRP A 666 -1.70 -5.88 -6.29
N TRP A 667 -2.88 -6.41 -6.00
CA TRP A 667 -3.06 -7.81 -5.70
C TRP A 667 -2.78 -8.71 -6.90
N ASN A 668 -2.76 -8.16 -8.10
CA ASN A 668 -2.41 -8.94 -9.30
C ASN A 668 -0.90 -9.08 -9.51
N MET A 669 -0.12 -8.43 -8.66
CA MET A 669 1.32 -8.58 -8.66
C MET A 669 1.69 -9.91 -7.97
N VAL A 670 2.85 -10.46 -8.32
CA VAL A 670 3.46 -11.55 -7.54
C VAL A 670 4.80 -11.08 -6.93
N PRO A 671 4.75 -10.37 -5.77
CA PRO A 671 5.96 -9.81 -5.17
C PRO A 671 7.04 -10.89 -4.89
N ALA B 2 14.19 28.76 8.67
CA ALA B 2 13.63 27.52 8.06
C ALA B 2 14.57 26.89 7.02
N PRO B 3 15.75 26.45 7.46
CA PRO B 3 16.62 25.67 6.57
C PRO B 3 16.05 24.27 6.35
N ARG B 4 16.21 23.70 5.15
CA ARG B 4 15.63 22.38 4.87
C ARG B 4 16.22 21.29 5.79
N LYS B 5 17.45 21.53 6.27
CA LYS B 5 18.26 20.52 6.98
C LYS B 5 18.00 20.30 8.49
N GLN B 6 17.78 21.34 9.29
CA GLN B 6 17.61 21.13 10.75
C GLN B 6 16.13 20.88 11.13
#